data_9DY4
#
_entry.id   9DY4
#
_cell.length_a   56.203
_cell.length_b   95.175
_cell.length_c   117.797
_cell.angle_alpha   90.00
_cell.angle_beta   90.00
_cell.angle_gamma   90.00
#
_symmetry.space_group_name_H-M   'C 2 2 21'
#
loop_
_entity.id
_entity.type
_entity.pdbx_description
1 polymer '2-aminoethanethiol dioxygenase'
2 non-polymer 'FE (II) ION'
3 non-polymer 1-hydrazinophthalazine
4 non-polymer GLYCEROL
5 water water
#
_entity_poly.entity_id   1
_entity_poly.type   'polypeptide(L)'
_entity_poly.pdbx_seq_one_letter_code
;GHMASPRDNMASLIQRIARQASLTFRGSGGGRGASDRDAASGPEAPMQPGFPENLSKLKSLLTQLRAEDLNIAPRKATLQ
PLPPNLPPVTYMHIYETDGFSLGVFLLKSGTSIPLHDHPGMHGMLKVLYGTVRISCMDKLDAGGGQRPRALPPEQQFEPP
LQPREREAVRPGVLRSRAEYTEASGPCILTPHRDNLHQIDAVEGPAAFLDILAPPYDPDDGRDCHYYRVLEPVRPKEASS
SASDLPREVWLLETPQADDFWCEGEPYPGPKVFP
;
_entity_poly.pdbx_strand_id   A
#
loop_
_chem_comp.id
_chem_comp.type
_chem_comp.name
_chem_comp.formula
FE2 non-polymer 'FE (II) ION' 'Fe 2'
GOL non-polymer GLYCEROL 'C3 H8 O3'
HLZ non-polymer 1-hydrazinophthalazine 'C8 H8 N4'
#
# COMPACT_ATOMS: atom_id res chain seq x y z
N ASP A 8 -0.13 30.94 16.67
CA ASP A 8 -0.06 29.87 15.67
C ASP A 8 -1.46 29.35 15.33
N ASN A 9 -2.14 28.77 16.33
CA ASN A 9 -3.60 28.51 16.28
C ASN A 9 -3.98 27.42 15.27
N MET A 10 -3.13 26.43 15.02
CA MET A 10 -3.46 25.51 13.95
C MET A 10 -3.88 24.14 14.49
N ALA A 11 -4.66 23.43 13.66
CA ALA A 11 -5.06 22.08 13.97
C ALA A 11 -3.85 21.15 13.96
N SER A 12 -4.05 19.94 14.49
CA SER A 12 -2.95 18.98 14.54
C SER A 12 -2.59 18.53 13.13
N LEU A 13 -1.33 18.12 12.97
CA LEU A 13 -0.85 17.73 11.66
C LEU A 13 -1.72 16.63 11.04
N ILE A 14 -2.27 15.72 11.87
CA ILE A 14 -3.12 14.65 11.36
C ILE A 14 -4.49 15.20 10.92
N GLN A 15 -5.02 16.21 11.62
CA GLN A 15 -6.25 16.86 11.16
C GLN A 15 -6.04 17.53 9.82
N ARG A 16 -4.84 18.04 9.62
CA ARG A 16 -4.50 18.74 8.40
C ARG A 16 -4.46 17.79 7.24
N ILE A 17 -3.64 16.74 7.36
CA ILE A 17 -3.53 15.68 6.37
C ILE A 17 -4.92 15.23 5.94
N ALA A 18 -5.79 14.99 6.93
CA ALA A 18 -7.15 14.54 6.67
C ALA A 18 -7.96 15.59 5.91
N ARG A 19 -7.78 16.88 6.23
CA ARG A 19 -8.38 17.93 5.43
C ARG A 19 -7.89 17.86 3.98
N GLN A 20 -6.57 17.82 3.80
CA GLN A 20 -6.00 17.87 2.46
C GLN A 20 -6.31 16.62 1.67
N ALA A 21 -6.35 15.44 2.31
CA ALA A 21 -6.77 14.25 1.59
C ALA A 21 -8.21 14.39 1.11
N SER A 22 -9.09 14.91 1.96
CA SER A 22 -10.47 15.17 1.54
C SER A 22 -10.52 16.15 0.36
N LEU A 23 -9.80 17.26 0.45
CA LEU A 23 -9.75 18.19 -0.70
C LEU A 23 -9.19 17.50 -1.95
N THR A 24 -8.19 16.64 -1.78
CA THR A 24 -7.52 16.08 -2.94
C THR A 24 -8.38 15.02 -3.65
N PHE A 25 -9.22 14.29 -2.90
CA PHE A 25 -10.00 13.18 -3.44
C PHE A 25 -11.50 13.35 -3.34
N ARG A 26 -12.00 14.46 -2.77
CA ARG A 26 -13.43 14.73 -2.59
C ARG A 26 -14.21 13.49 -2.12
N ALA A 45 -14.35 34.44 -7.36
CA ALA A 45 -13.56 33.93 -6.24
C ALA A 45 -12.31 33.24 -6.79
N PRO A 46 -11.18 33.42 -6.11
CA PRO A 46 -9.91 32.96 -6.70
C PRO A 46 -9.85 31.44 -6.82
N MET A 47 -9.22 30.98 -7.89
CA MET A 47 -9.25 29.57 -8.24
C MET A 47 -8.46 28.74 -7.23
N GLN A 48 -9.10 27.69 -6.71
CA GLN A 48 -8.48 26.82 -5.71
C GLN A 48 -7.58 25.78 -6.39
N PRO A 49 -6.80 24.97 -5.62
CA PRO A 49 -5.91 24.00 -6.26
C PRO A 49 -6.66 23.00 -7.13
N GLY A 50 -5.96 22.48 -8.14
CA GLY A 50 -6.39 21.31 -8.86
C GLY A 50 -5.67 20.06 -8.38
N PHE A 51 -5.94 18.94 -9.08
CA PHE A 51 -5.47 17.64 -8.63
C PHE A 51 -3.95 17.62 -8.39
N PRO A 52 -3.09 17.93 -9.40
CA PRO A 52 -1.64 17.89 -9.16
C PRO A 52 -1.18 18.72 -7.96
N GLU A 53 -1.49 20.03 -7.93
CA GLU A 53 -1.07 20.85 -6.79
C GLU A 53 -1.60 20.26 -5.49
N ASN A 54 -2.86 19.79 -5.50
CA ASN A 54 -3.44 19.15 -4.33
C ASN A 54 -2.70 17.88 -3.92
N LEU A 55 -2.25 17.08 -4.90
CA LEU A 55 -1.50 15.87 -4.57
C LEU A 55 -0.10 16.21 -4.07
N SER A 56 0.50 17.27 -4.61
CA SER A 56 1.83 17.66 -4.17
C SER A 56 1.80 18.19 -2.75
N LYS A 57 0.70 18.86 -2.36
CA LYS A 57 0.61 19.39 -1.00
C LYS A 57 0.36 18.28 0.01
N LEU A 58 -0.53 17.34 -0.33
CA LEU A 58 -0.73 16.19 0.53
C LEU A 58 0.61 15.50 0.78
N LYS A 59 1.39 15.39 -0.27
CA LYS A 59 2.68 14.78 -0.20
C LYS A 59 3.56 15.55 0.74
N SER A 60 3.46 16.87 0.66
CA SER A 60 4.21 17.78 1.52
C SER A 60 3.84 17.56 2.99
N LEU A 61 2.53 17.51 3.29
CA LEU A 61 2.08 17.33 4.67
C LEU A 61 2.56 16.00 5.25
N LEU A 62 2.58 14.97 4.43
CA LEU A 62 2.96 13.66 4.86
C LEU A 62 4.42 13.52 5.18
N THR A 63 5.26 14.23 4.46
CA THR A 63 6.69 14.12 4.68
C THR A 63 7.06 14.60 6.07
N GLN A 64 6.36 15.60 6.59
CA GLN A 64 6.64 16.13 7.91
C GLN A 64 6.19 15.21 9.02
N LEU A 65 5.35 14.22 8.70
CA LEU A 65 4.72 13.41 9.73
C LEU A 65 5.78 12.54 10.39
N ARG A 66 6.06 12.82 11.66
CA ARG A 66 6.88 11.97 12.50
C ARG A 66 5.99 11.00 13.27
N ALA A 67 6.58 9.89 13.73
CA ALA A 67 5.84 8.93 14.53
C ALA A 67 5.17 9.61 15.73
N GLU A 68 5.91 10.46 16.45
CA GLU A 68 5.39 11.01 17.70
C GLU A 68 4.19 11.94 17.50
N ASP A 69 3.93 12.40 16.28
CA ASP A 69 2.75 13.23 16.04
C ASP A 69 1.45 12.43 16.14
N LEU A 70 1.53 11.11 16.03
CA LEU A 70 0.39 10.24 16.23
C LEU A 70 0.44 9.56 17.58
N ASN A 71 1.39 9.96 18.42
CA ASN A 71 1.65 9.28 19.69
C ASN A 71 1.87 7.79 19.47
N ILE A 72 2.67 7.45 18.47
CA ILE A 72 3.01 6.06 18.14
C ILE A 72 4.43 5.80 18.66
N ALA A 73 4.54 5.09 19.78
CA ALA A 73 5.85 4.77 20.30
C ALA A 73 6.52 3.75 19.38
N PRO A 74 7.72 4.02 18.88
CA PRO A 74 8.37 3.06 17.97
C PRO A 74 8.49 1.72 18.66
N ARG A 75 8.14 0.66 17.95
CA ARG A 75 8.09 -0.67 18.53
C ARG A 75 9.33 -1.47 18.12
N LYS A 76 9.59 -2.55 18.86
CA LYS A 76 10.72 -3.42 18.58
C LYS A 76 10.41 -4.83 19.09
N ALA A 77 11.31 -5.76 18.75
CA ALA A 77 11.26 -7.15 19.23
C ALA A 77 9.96 -7.86 18.87
N PRO A 81 9.31 -14.52 19.15
CA PRO A 81 8.47 -15.46 18.39
C PRO A 81 6.99 -15.22 18.66
N LEU A 82 6.16 -15.15 17.60
CA LEU A 82 4.79 -14.76 17.94
C LEU A 82 3.86 -15.96 17.90
N PRO A 83 2.91 -16.03 18.83
CA PRO A 83 1.99 -17.19 18.90
C PRO A 83 1.10 -17.25 17.67
N PRO A 84 0.78 -18.45 17.19
CA PRO A 84 -0.10 -18.57 16.01
C PRO A 84 -1.45 -17.88 16.15
N ASN A 85 -1.81 -17.42 17.35
CA ASN A 85 -3.03 -16.65 17.57
C ASN A 85 -2.82 -15.14 17.53
N LEU A 86 -1.60 -14.67 17.24
CA LEU A 86 -1.34 -13.22 17.25
C LEU A 86 -1.18 -12.69 15.83
N PRO A 87 -1.89 -11.63 15.46
CA PRO A 87 -1.81 -11.11 14.07
C PRO A 87 -0.40 -10.68 13.72
N PRO A 88 0.09 -11.05 12.52
CA PRO A 88 1.41 -10.58 12.10
C PRO A 88 1.47 -9.08 11.88
N VAL A 89 0.32 -8.46 11.56
CA VAL A 89 0.22 -7.03 11.37
C VAL A 89 -1.11 -6.56 11.97
N THR A 90 -1.17 -5.27 12.32
CA THR A 90 -2.34 -4.67 12.96
C THR A 90 -2.65 -3.33 12.32
N TYR A 91 -3.89 -2.88 12.50
CA TYR A 91 -4.40 -1.68 11.84
C TYR A 91 -5.04 -0.72 12.85
N MET A 92 -4.73 0.60 12.74
CA MET A 92 -5.38 1.67 13.53
C MET A 92 -6.17 2.58 12.61
N HIS A 93 -7.49 2.55 12.74
CA HIS A 93 -8.34 3.38 11.91
C HIS A 93 -8.29 4.83 12.39
N ILE A 94 -7.88 5.75 11.54
CA ILE A 94 -7.90 7.17 11.84
C ILE A 94 -9.12 7.84 11.25
N TYR A 95 -9.40 7.64 9.96
CA TYR A 95 -10.60 8.26 9.39
C TYR A 95 -10.90 7.65 8.04
N GLU A 96 -12.17 7.75 7.66
CA GLU A 96 -12.67 7.18 6.41
C GLU A 96 -13.84 8.02 5.92
N THR A 97 -13.74 8.50 4.68
CA THR A 97 -14.90 8.98 3.93
C THR A 97 -15.01 8.12 2.67
N ASP A 98 -15.94 8.49 1.77
CA ASP A 98 -16.04 7.84 0.46
C ASP A 98 -14.88 8.21 -0.46
N GLY A 99 -14.19 9.32 -0.17
CA GLY A 99 -13.06 9.75 -0.95
C GLY A 99 -11.76 9.09 -0.55
N PHE A 100 -11.55 8.85 0.75
CA PHE A 100 -10.28 8.30 1.18
C PHE A 100 -10.42 7.55 2.50
N SER A 101 -9.50 6.62 2.72
CA SER A 101 -9.23 6.00 4.00
C SER A 101 -7.90 6.52 4.53
N LEU A 102 -7.75 6.47 5.84
CA LEU A 102 -6.55 7.00 6.48
C LEU A 102 -6.31 6.19 7.74
N GLY A 103 -5.13 5.60 7.86
CA GLY A 103 -4.88 4.66 8.95
C GLY A 103 -3.40 4.31 9.01
N VAL A 104 -3.07 3.44 9.97
CA VAL A 104 -1.69 3.01 10.17
C VAL A 104 -1.64 1.49 10.14
N PHE A 105 -0.76 0.95 9.30
CA PHE A 105 -0.40 -0.46 9.32
C PHE A 105 0.87 -0.66 10.13
N LEU A 106 0.86 -1.68 10.99
CA LEU A 106 1.96 -1.93 11.93
C LEU A 106 2.36 -3.39 11.85
N LEU A 107 3.58 -3.64 11.37
CA LEU A 107 4.06 -5.00 11.11
C LEU A 107 5.02 -5.40 12.21
N LYS A 108 4.67 -6.47 12.92
CA LYS A 108 5.61 -7.06 13.86
C LYS A 108 6.86 -7.56 13.14
N SER A 109 7.94 -7.71 13.92
CA SER A 109 9.24 -8.07 13.37
C SER A 109 9.13 -9.34 12.53
N GLY A 110 9.60 -9.26 11.28
CA GLY A 110 9.67 -10.43 10.42
C GLY A 110 8.47 -10.64 9.51
N THR A 111 7.35 -9.95 9.76
CA THR A 111 6.13 -10.17 9.00
C THR A 111 6.20 -9.42 7.66
N SER A 112 5.07 -9.38 6.95
CA SER A 112 5.00 -8.71 5.66
C SER A 112 3.57 -8.72 5.15
N ILE A 113 3.19 -7.64 4.46
CA ILE A 113 1.88 -7.55 3.81
C ILE A 113 2.04 -8.02 2.39
N PRO A 114 1.41 -9.14 1.99
CA PRO A 114 1.69 -9.75 0.67
C PRO A 114 1.33 -8.83 -0.48
N LEU A 115 1.88 -9.18 -1.65
CA LEU A 115 1.66 -8.50 -2.92
C LEU A 115 0.17 -8.34 -3.25
N HIS A 116 -0.32 -7.12 -3.23
CA HIS A 116 -1.71 -6.89 -3.55
C HIS A 116 -1.87 -5.67 -4.46
N ASP A 117 -3.03 -5.53 -5.07
CA ASP A 117 -3.32 -4.42 -5.96
C ASP A 117 -4.12 -3.33 -5.24
N HIS A 118 -4.40 -2.25 -5.96
CA HIS A 118 -5.33 -1.21 -5.49
C HIS A 118 -6.18 -0.77 -6.68
N PRO A 119 -7.21 -1.56 -7.01
CA PRO A 119 -8.02 -1.32 -8.23
C PRO A 119 -8.51 0.10 -8.44
N GLY A 120 -7.84 0.83 -9.33
CA GLY A 120 -8.27 2.18 -9.69
C GLY A 120 -8.06 3.19 -8.61
N MET A 121 -7.04 3.02 -7.79
CA MET A 121 -6.88 3.83 -6.59
C MET A 121 -5.56 4.58 -6.66
N HIS A 122 -5.55 5.72 -5.98
CA HIS A 122 -4.31 6.42 -5.64
C HIS A 122 -3.93 6.02 -4.22
N GLY A 123 -2.65 6.13 -3.91
CA GLY A 123 -2.19 5.81 -2.57
C GLY A 123 -0.89 6.50 -2.20
N MET A 124 -0.76 6.80 -0.92
CA MET A 124 0.42 7.41 -0.40
C MET A 124 0.71 6.76 0.93
N LEU A 125 1.98 6.60 1.28
CA LEU A 125 2.28 6.03 2.58
C LEU A 125 3.59 6.58 3.10
N LYS A 126 3.72 6.59 4.43
CA LYS A 126 4.83 7.23 5.10
C LYS A 126 5.24 6.36 6.27
N VAL A 127 6.44 5.78 6.17
CA VAL A 127 6.94 4.92 7.23
C VAL A 127 7.24 5.74 8.48
N LEU A 128 6.72 5.27 9.62
CA LEU A 128 6.83 6.01 10.89
C LEU A 128 7.96 5.54 11.79
N TYR A 129 8.31 4.26 11.73
CA TYR A 129 9.48 3.72 12.43
C TYR A 129 9.90 2.41 11.78
N GLY A 130 11.08 1.96 12.18
CA GLY A 130 11.63 0.77 11.58
C GLY A 130 11.96 1.02 10.13
N THR A 131 12.03 -0.08 9.37
CA THR A 131 12.33 -0.04 7.95
C THR A 131 11.39 -1.02 7.25
N VAL A 132 11.12 -0.78 5.97
CA VAL A 132 10.30 -1.68 5.17
C VAL A 132 10.93 -1.83 3.79
N ARG A 133 10.70 -2.98 3.18
CA ARG A 133 10.92 -3.14 1.74
C ARG A 133 9.57 -3.07 1.04
N ILE A 134 9.51 -2.29 -0.03
CA ILE A 134 8.34 -2.25 -0.90
C ILE A 134 8.79 -2.67 -2.30
N SER A 135 8.06 -3.59 -2.91
CA SER A 135 8.28 -3.98 -4.29
C SER A 135 7.07 -3.52 -5.09
N CYS A 136 7.30 -2.69 -6.09
CA CYS A 136 6.24 -2.01 -6.82
C CYS A 136 6.13 -2.60 -8.21
N MET A 137 4.96 -3.15 -8.54
CA MET A 137 4.76 -3.74 -9.86
C MET A 137 3.48 -3.20 -10.52
N ASP A 138 3.15 -3.72 -11.71
CA ASP A 138 1.95 -3.36 -12.44
C ASP A 138 1.68 -4.46 -13.44
N LYS A 139 0.40 -4.70 -13.73
CA LYS A 139 0.03 -5.60 -14.81
C LYS A 139 0.01 -4.83 -16.12
N LEU A 140 0.60 -5.41 -17.16
CA LEU A 140 0.68 -4.72 -18.44
C LEU A 140 -0.73 -4.38 -18.95
N ASP A 141 -0.83 -3.23 -19.62
CA ASP A 141 -2.10 -2.61 -19.96
C ASP A 141 -1.95 -1.96 -21.32
N ALA A 142 -2.82 -2.30 -22.28
CA ALA A 142 -2.64 -1.77 -23.63
C ALA A 142 -3.01 -0.29 -23.75
N GLY A 143 -3.49 0.33 -22.67
CA GLY A 143 -3.72 1.77 -22.68
C GLY A 143 -2.45 2.59 -22.58
N GLY A 144 -1.40 2.04 -21.95
CA GLY A 144 -0.10 2.64 -21.81
C GLY A 144 0.89 2.36 -22.93
N GLY A 145 0.46 1.73 -24.01
CA GLY A 145 1.34 1.49 -25.15
C GLY A 145 2.14 0.20 -25.09
N GLN A 146 1.95 -0.61 -24.05
CA GLN A 146 2.61 -1.90 -23.88
C GLN A 146 1.72 -3.03 -24.42
N ARG A 147 2.35 -4.14 -24.82
CA ARG A 147 1.60 -5.24 -25.43
C ARG A 147 1.53 -6.46 -24.52
N PRO A 148 0.38 -6.74 -23.88
CA PRO A 148 0.13 -7.95 -23.09
C PRO A 148 0.33 -9.24 -23.93
N ALA A 150 -0.68 -12.92 -23.26
CA ALA A 150 -0.85 -14.38 -23.26
C ALA A 150 0.46 -15.15 -23.08
N LEU A 151 0.46 -16.14 -22.20
CA LEU A 151 1.66 -16.88 -21.81
C LEU A 151 2.08 -17.85 -22.91
N PRO A 152 3.36 -17.88 -23.30
CA PRO A 152 3.86 -19.01 -24.10
C PRO A 152 3.51 -20.34 -23.45
N PRO A 153 2.97 -21.29 -24.22
CA PRO A 153 2.56 -22.58 -23.63
C PRO A 153 3.73 -23.45 -23.18
N GLU A 154 4.93 -23.19 -23.69
CA GLU A 154 6.08 -23.99 -23.28
C GLU A 154 6.68 -23.53 -21.95
N GLN A 155 6.42 -22.28 -21.60
CA GLN A 155 6.89 -21.67 -20.35
C GLN A 155 6.76 -22.53 -19.11
N GLN A 156 7.85 -22.73 -18.39
CA GLN A 156 7.74 -23.61 -17.24
C GLN A 156 8.21 -23.03 -15.92
N PHE A 157 7.40 -23.21 -14.89
CA PHE A 157 7.78 -22.71 -13.58
C PHE A 157 7.64 -23.67 -12.44
N GLU A 158 8.54 -23.44 -11.49
CA GLU A 158 8.62 -24.11 -10.20
C GLU A 158 7.85 -23.28 -9.19
N PRO A 159 6.75 -23.79 -8.61
CA PRO A 159 6.07 -25.05 -8.92
C PRO A 159 5.36 -24.97 -10.25
N PRO A 160 5.05 -26.09 -10.90
CA PRO A 160 4.34 -26.03 -12.18
C PRO A 160 2.92 -25.50 -11.98
N LEU A 161 2.22 -25.35 -13.09
CA LEU A 161 0.96 -24.62 -13.14
C LEU A 161 -0.17 -25.51 -13.63
N GLN A 162 -1.25 -25.58 -12.85
CA GLN A 162 -2.51 -26.21 -13.26
C GLN A 162 -3.10 -25.53 -14.49
N PRO A 163 -4.06 -26.18 -15.17
CA PRO A 163 -4.73 -25.54 -16.31
C PRO A 163 -5.47 -24.25 -15.97
N ARG A 164 -6.18 -24.21 -14.86
CA ARG A 164 -6.93 -23.00 -14.53
C ARG A 164 -6.01 -21.87 -14.14
N GLU A 165 -4.80 -22.21 -13.73
CA GLU A 165 -3.85 -21.23 -13.33
C GLU A 165 -3.30 -20.57 -14.56
N ARG A 166 -2.81 -21.37 -15.49
CA ARG A 166 -2.22 -20.90 -16.73
C ARG A 166 -3.13 -19.92 -17.45
N GLU A 167 -4.45 -20.19 -17.45
CA GLU A 167 -5.40 -19.29 -18.08
C GLU A 167 -5.52 -17.95 -17.37
N ALA A 168 -5.08 -17.87 -16.10
CA ALA A 168 -5.24 -16.68 -15.27
C ALA A 168 -3.97 -15.85 -15.12
N VAL A 169 -2.82 -16.32 -15.61
CA VAL A 169 -1.62 -15.51 -15.48
C VAL A 169 -1.72 -14.30 -16.41
N ARG A 170 -1.05 -13.20 -16.03
CA ARG A 170 -1.03 -11.93 -16.77
C ARG A 170 0.39 -11.39 -16.77
N PRO A 171 0.82 -10.73 -17.84
CA PRO A 171 2.14 -10.09 -17.82
C PRO A 171 2.15 -8.87 -16.92
N GLY A 172 3.27 -8.71 -16.19
CA GLY A 172 3.50 -7.54 -15.37
C GLY A 172 4.94 -7.04 -15.52
N VAL A 173 5.26 -5.97 -14.80
CA VAL A 173 6.61 -5.42 -14.78
C VAL A 173 6.99 -5.14 -13.33
N LEU A 174 8.14 -5.65 -12.92
CA LEU A 174 8.72 -5.41 -11.60
C LEU A 174 9.48 -4.10 -11.68
N ARG A 175 8.87 -3.03 -11.15
CA ARG A 175 9.44 -1.70 -11.35
C ARG A 175 10.54 -1.40 -10.35
N SER A 176 10.29 -1.60 -9.05
CA SER A 176 11.25 -1.21 -8.03
C SER A 176 11.18 -2.16 -6.86
N ARG A 177 12.21 -2.10 -6.01
CA ARG A 177 12.30 -2.99 -4.85
C ARG A 177 13.13 -2.35 -3.74
N ALA A 178 13.09 -1.01 -3.65
CA ALA A 178 13.84 -0.31 -2.62
C ALA A 178 13.26 -0.59 -1.24
N GLU A 179 14.04 -0.27 -0.20
CA GLU A 179 13.61 -0.40 1.18
C GLU A 179 13.75 0.95 1.88
N TYR A 180 12.71 1.33 2.61
CA TYR A 180 12.49 2.71 3.02
C TYR A 180 12.44 2.80 4.54
N THR A 181 12.89 3.94 5.07
CA THR A 181 12.83 4.28 6.48
C THR A 181 12.22 5.65 6.63
N GLU A 182 11.88 6.03 7.88
CA GLU A 182 11.16 7.28 8.10
C GLU A 182 11.89 8.47 7.49
N ALA A 183 13.18 8.32 7.15
CA ALA A 183 13.93 9.37 6.47
C ALA A 183 13.50 9.51 5.02
N SER A 184 13.00 8.44 4.40
CA SER A 184 12.64 8.49 3.00
C SER A 184 11.41 9.36 2.77
N GLY A 185 11.21 9.76 1.52
CA GLY A 185 10.01 10.44 1.14
C GLY A 185 8.80 9.54 1.29
N PRO A 186 7.60 10.08 1.08
CA PRO A 186 6.42 9.22 0.97
C PRO A 186 6.49 8.37 -0.30
N CYS A 187 5.77 7.25 -0.27
CA CYS A 187 5.66 6.36 -1.42
C CYS A 187 4.29 6.54 -2.05
N ILE A 188 4.27 6.77 -3.36
CA ILE A 188 3.06 7.09 -4.09
C ILE A 188 2.69 5.92 -4.99
N LEU A 189 1.40 5.83 -5.30
CA LEU A 189 0.85 4.85 -6.23
C LEU A 189 -0.39 5.47 -6.86
N THR A 190 -0.62 5.12 -8.11
CA THR A 190 -1.74 5.64 -8.89
C THR A 190 -2.42 4.44 -9.53
N PRO A 191 -3.60 4.63 -10.13
CA PRO A 191 -4.27 3.49 -10.80
C PRO A 191 -3.38 2.76 -11.77
N HIS A 192 -2.53 3.47 -12.50
CA HIS A 192 -1.76 2.90 -13.58
C HIS A 192 -0.26 2.83 -13.31
N ARG A 193 0.19 3.00 -12.07
CA ARG A 193 1.61 2.82 -11.83
C ARG A 193 1.89 2.51 -10.37
N ASP A 194 2.85 1.60 -10.16
CA ASP A 194 3.17 1.03 -8.87
C ASP A 194 1.94 0.58 -8.12
N ASN A 195 0.86 0.26 -8.84
CA ASN A 195 -0.40 -0.12 -8.23
C ASN A 195 -0.34 -1.44 -7.45
N LEU A 196 0.63 -2.31 -7.72
CA LEU A 196 0.81 -3.55 -6.97
C LEU A 196 2.03 -3.43 -6.07
N HIS A 197 1.93 -3.89 -4.83
CA HIS A 197 3.10 -3.75 -3.98
C HIS A 197 3.05 -4.73 -2.83
N GLN A 198 4.23 -4.96 -2.26
CA GLN A 198 4.46 -5.92 -1.21
C GLN A 198 5.33 -5.24 -0.19
N ILE A 199 4.96 -5.31 1.07
CA ILE A 199 5.67 -4.60 2.11
C ILE A 199 6.22 -5.61 3.10
N ASP A 200 7.53 -5.65 3.21
CA ASP A 200 8.24 -6.54 4.12
C ASP A 200 8.80 -5.73 5.30
N ALA A 201 8.51 -6.19 6.52
CA ALA A 201 9.09 -5.56 7.69
C ALA A 201 10.55 -6.01 7.82
N VAL A 202 11.48 -5.08 7.62
CA VAL A 202 12.91 -5.39 7.56
C VAL A 202 13.57 -5.06 8.88
N GLU A 203 14.42 -5.96 9.34
CA GLU A 203 15.17 -5.77 10.56
C GLU A 203 14.33 -5.34 11.75
N GLY A 204 13.20 -6.00 11.95
CA GLY A 204 12.36 -5.72 13.08
C GLY A 204 11.02 -5.13 12.69
N PRO A 205 10.33 -4.55 13.67
CA PRO A 205 8.99 -4.02 13.41
C PRO A 205 9.04 -2.65 12.77
N ALA A 206 8.09 -2.42 11.87
CA ALA A 206 7.92 -1.13 11.22
C ALA A 206 6.43 -0.81 11.17
N ALA A 207 6.15 0.47 10.90
CA ALA A 207 4.78 0.94 10.77
C ALA A 207 4.73 2.11 9.78
N PHE A 208 3.58 2.26 9.13
CA PHE A 208 3.42 3.33 8.14
C PHE A 208 1.99 3.85 8.13
N LEU A 209 1.87 5.11 7.76
CA LEU A 209 0.61 5.77 7.60
C LEU A 209 0.22 5.50 6.16
N ASP A 210 -1.04 5.18 5.90
CA ASP A 210 -1.47 4.84 4.55
C ASP A 210 -2.72 5.62 4.16
N ILE A 211 -2.71 6.21 2.96
CA ILE A 211 -3.87 6.89 2.39
C ILE A 211 -4.27 6.19 1.09
N LEU A 212 -5.56 5.91 0.93
CA LEU A 212 -6.08 5.14 -0.19
C LEU A 212 -7.37 5.75 -0.70
N ALA A 213 -7.45 6.00 -2.01
CA ALA A 213 -8.56 6.76 -2.56
C ALA A 213 -8.96 6.24 -3.93
N PRO A 214 -10.22 5.83 -4.10
CA PRO A 214 -11.23 5.63 -3.04
C PRO A 214 -10.86 4.46 -2.14
N PRO A 215 -11.51 4.27 -0.99
CA PRO A 215 -11.18 3.11 -0.16
C PRO A 215 -11.69 1.81 -0.77
N TYR A 216 -11.10 0.71 -0.31
CA TYR A 216 -11.56 -0.60 -0.73
C TYR A 216 -13.05 -0.76 -0.46
N ASP A 217 -13.66 -1.64 -1.24
CA ASP A 217 -15.05 -1.99 -1.03
C ASP A 217 -15.27 -3.39 -1.58
N PRO A 218 -15.11 -4.43 -0.76
CA PRO A 218 -15.36 -5.80 -1.27
C PRO A 218 -16.82 -6.03 -1.67
N ASP A 219 -17.73 -5.13 -1.28
CA ASP A 219 -19.15 -5.24 -1.57
C ASP A 219 -19.51 -4.58 -2.91
N ASP A 220 -18.76 -3.55 -3.28
CA ASP A 220 -18.92 -2.87 -4.56
C ASP A 220 -17.97 -3.40 -5.63
N GLY A 221 -17.57 -4.67 -5.55
CA GLY A 221 -16.64 -5.25 -6.50
C GLY A 221 -15.34 -4.50 -6.62
N ARG A 222 -14.86 -3.97 -5.50
CA ARG A 222 -13.62 -3.19 -5.44
C ARG A 222 -12.75 -3.77 -4.33
N ASP A 223 -12.28 -5.01 -4.54
CA ASP A 223 -11.59 -5.73 -3.48
C ASP A 223 -10.07 -5.55 -3.58
N CYS A 224 -9.40 -5.99 -2.53
CA CYS A 224 -7.95 -6.10 -2.48
C CYS A 224 -7.57 -7.52 -2.93
N HIS A 225 -7.02 -7.64 -4.14
CA HIS A 225 -6.66 -8.94 -4.71
C HIS A 225 -5.16 -9.21 -4.53
N TYR A 226 -4.82 -10.47 -4.33
CA TYR A 226 -3.45 -10.87 -4.06
C TYR A 226 -2.83 -11.56 -5.26
N TYR A 227 -1.49 -11.53 -5.30
CA TYR A 227 -0.77 -12.04 -6.45
C TYR A 227 0.52 -12.69 -5.98
N ARG A 228 0.99 -13.69 -6.74
CA ARG A 228 2.37 -14.13 -6.67
C ARG A 228 3.05 -14.00 -8.02
N VAL A 229 4.35 -13.69 -7.99
CA VAL A 229 5.18 -13.63 -9.18
C VAL A 229 5.73 -15.02 -9.47
N LEU A 230 5.57 -15.47 -10.72
CA LEU A 230 5.93 -16.83 -11.11
C LEU A 230 7.43 -16.96 -11.35
N GLU A 231 7.95 -18.13 -10.98
CA GLU A 231 9.38 -18.42 -11.07
C GLU A 231 9.68 -19.56 -12.07
N PRO A 232 10.21 -19.26 -13.27
CA PRO A 232 10.63 -20.21 -14.32
C PRO A 232 11.92 -20.98 -14.01
N LEU A 245 16.32 -3.09 -12.10
CA LEU A 245 16.35 -4.03 -13.22
C LEU A 245 14.91 -4.33 -13.71
N PRO A 246 14.18 -3.28 -14.19
CA PRO A 246 12.78 -3.48 -14.62
C PRO A 246 12.62 -4.63 -15.60
N ARG A 247 11.83 -5.64 -15.26
CA ARG A 247 11.70 -6.82 -16.10
C ARG A 247 10.25 -7.24 -16.23
N GLU A 248 9.92 -7.85 -17.36
CA GLU A 248 8.61 -8.42 -17.57
C GLU A 248 8.50 -9.69 -16.75
N VAL A 249 7.49 -9.76 -15.89
CA VAL A 249 7.24 -10.90 -15.05
C VAL A 249 5.81 -11.37 -15.32
N TRP A 250 5.52 -12.58 -14.88
CA TRP A 250 4.18 -13.15 -14.94
C TRP A 250 3.56 -13.13 -13.55
N LEU A 251 2.34 -12.61 -13.43
CA LEU A 251 1.64 -12.55 -12.17
C LEU A 251 0.45 -13.48 -12.17
N LEU A 252 0.18 -14.11 -11.03
CA LEU A 252 -1.01 -14.91 -10.85
C LEU A 252 -1.78 -14.41 -9.62
N GLU A 253 -3.09 -14.25 -9.77
CA GLU A 253 -3.93 -13.90 -8.64
C GLU A 253 -4.20 -15.13 -7.77
N THR A 254 -3.97 -14.99 -6.46
CA THR A 254 -4.09 -16.04 -5.47
C THR A 254 -4.94 -15.56 -4.30
N PRO A 255 -5.66 -16.45 -3.61
CA PRO A 255 -6.40 -16.07 -2.41
C PRO A 255 -5.48 -15.46 -1.34
N GLN A 256 -6.11 -14.74 -0.41
CA GLN A 256 -5.40 -14.28 0.78
C GLN A 256 -4.72 -15.45 1.48
N ALA A 257 -3.42 -15.30 1.76
CA ALA A 257 -2.66 -16.37 2.41
C ALA A 257 -3.28 -16.78 3.75
N ASP A 258 -3.27 -18.09 4.02
CA ASP A 258 -3.93 -18.64 5.20
C ASP A 258 -3.44 -18.00 6.50
N ASP A 259 -2.13 -17.76 6.62
CA ASP A 259 -1.50 -17.22 7.82
C ASP A 259 -1.41 -15.69 7.85
N PHE A 260 -1.81 -14.99 6.78
CA PHE A 260 -1.80 -13.53 6.77
C PHE A 260 -3.19 -13.02 7.13
N TRP A 261 -3.26 -12.19 8.17
CA TRP A 261 -4.45 -11.43 8.51
C TRP A 261 -4.01 -10.22 9.32
N CYS A 262 -4.90 -9.23 9.42
CA CYS A 262 -4.58 -7.93 10.02
C CYS A 262 -5.73 -7.50 10.90
N GLU A 263 -5.41 -7.17 12.15
CA GLU A 263 -6.42 -6.91 13.16
C GLU A 263 -6.43 -5.45 13.57
N GLY A 264 -7.61 -4.97 13.94
CA GLY A 264 -7.70 -3.65 14.51
C GLY A 264 -6.99 -3.55 15.86
N GLU A 265 -6.49 -2.36 16.15
CA GLU A 265 -5.95 -2.03 17.46
C GLU A 265 -6.11 -0.53 17.62
N PRO A 266 -6.33 -0.05 18.85
CA PRO A 266 -6.76 1.34 19.03
C PRO A 266 -5.71 2.33 18.60
N TYR A 267 -6.19 3.54 18.27
CA TYR A 267 -5.38 4.60 17.71
C TYR A 267 -5.02 5.63 18.78
N PRO A 268 -3.74 5.81 19.12
CA PRO A 268 -3.37 6.71 20.22
C PRO A 268 -3.29 8.20 19.87
N GLY A 269 -3.39 8.59 18.61
CA GLY A 269 -3.02 9.96 18.24
C GLY A 269 -4.17 10.94 18.40
N PRO A 270 -3.92 12.17 17.98
CA PRO A 270 -5.00 13.17 17.93
C PRO A 270 -6.10 12.74 16.97
N LYS A 271 -7.34 12.93 17.41
CA LYS A 271 -8.52 12.50 16.66
C LYS A 271 -8.86 13.48 15.55
N VAL A 272 -9.44 12.96 14.45
CA VAL A 272 -9.78 13.78 13.29
C VAL A 272 -11.19 14.34 13.44
N PHE A 273 -11.34 15.63 13.12
CA PHE A 273 -12.60 16.37 13.10
C PHE A 273 -13.26 16.26 14.45
FE FE2 B . -1.53 -1.30 -0.02
C1 HLZ C . -7.72 -14.94 10.72
N2 HLZ C . -8.44 -14.34 11.64
N3 HLZ C . -8.25 -14.61 12.95
C4 HLZ C . -7.36 -15.45 13.35
C5 HLZ C . -6.51 -16.14 12.44
C6 HLZ C . -6.67 -15.88 11.06
C7 HLZ C . -5.86 -16.56 10.13
C8 HLZ C . -4.91 -17.45 10.58
C9 HLZ C . -4.75 -17.69 11.97
C10 HLZ C . -5.53 -17.06 12.88
N11 HLZ C . -7.96 -14.62 9.42
N12 HLZ C . -8.41 -13.34 9.05
C1 GOL D . -1.23 23.32 5.75
O1 GOL D . -2.55 23.76 6.06
C2 GOL D . -0.29 23.91 6.76
O2 GOL D . 1.01 23.92 6.20
C3 GOL D . -0.65 25.35 6.97
O3 GOL D . -1.39 25.48 8.19
C1 GOL E . -13.94 28.75 -7.82
O1 GOL E . -14.11 29.24 -6.51
C2 GOL E . -14.43 29.77 -8.84
O2 GOL E . -14.80 30.96 -8.18
C3 GOL E . -15.59 29.22 -9.64
O3 GOL E . -15.99 30.27 -10.51
#